data_2KUZ
#
_entry.id   2KUZ
#
loop_
_entity.id
_entity.type
_entity.pdbx_description
1 polymer "DNA (5'-D(*GP*CP*TP*GP*CP*AP*AP*AP*CP*GP*TP*CP*G)-3')"
2 polymer "DNA (5'-D(*CP*GP*AP*CP*GP*TP*TP*TP*GP*CP*AP*GP*C)-3')"
#
loop_
_entity_poly.entity_id
_entity_poly.type
_entity_poly.pdbx_seq_one_letter_code
_entity_poly.pdbx_strand_id
1 'polydeoxyribonucleotide' (DG)(DC)(DT)(DG)(DC)(DA)(DA)(DA)(DC)(DG)(DT)(DC)(DG) A
2 'polydeoxyribonucleotide' (DC)(DG)(DA)(DC)(DG)(DT)(DT)(DT)(DG)(DC)(DA)(DG)(DC) B
#